data_3MMD
#
_entry.id   3MMD
#
_cell.length_a   123.241
_cell.length_b   61.856
_cell.length_c   89.066
_cell.angle_alpha   90.00
_cell.angle_beta   119.20
_cell.angle_gamma   90.00
#
_symmetry.space_group_name_H-M   'C 1 2 1'
#
loop_
_entity.id
_entity.type
_entity.pdbx_description
1 polymer Endo-1,4-beta-xylanase
2 branched beta-D-xylopyranose-(1-4)-beta-D-xylopyranose
3 branched beta-D-xylopyranose-(1-4)-beta-D-xylopyranose-(1-4)-beta-D-xylopyranose
4 non-polymer 'ZINC ION'
5 non-polymer 'SODIUM ION'
6 non-polymer 'CHLORIDE ION'
7 water water
#
_entity_poly.entity_id   1
_entity_poly.type   'polypeptide(L)'
_entity_poly.pdbx_seq_one_letter_code
;KNADSYAKKPHISALNAPQLDQRYKNEFTIGAAVEPYQLQNEKDVQMLKRHFNSIVAENVMKPISIQPEEGKFNFEQADR
IVKFAKANGMDIRFHTLVWHSQVPQWFFLDKEGKPMVNETDPVKREQNKQLLLKRLETHIKTIVERYKDDIKYWDVVNEV
VGDDGKLRNSPWYQIAGIDYIKVAFQAARKYGGDNIKLYMNDYNTEVEPKRTALYNLVKQLKEEGVPIDGIGHQSHIQIG
APSEAEIEKTINMFAALGLDNQITELDVSMYGWPPRAYPTYDAIPKQKFLDQAARYDRLFKLYEKLSDKISNVTFWGIAD
NHTWLDSRADVYYDANGNVVVDPNAPYAKVEKGKGKDAPFVFGPDYKVKPAYWAIIDHK
;
_entity_poly.pdbx_strand_id   A
#
# COMPACT_ATOMS: atom_id res chain seq x y z
N LYS A 9 -28.87 7.23 10.08
CA LYS A 9 -27.71 6.99 9.20
C LYS A 9 -28.10 5.87 8.24
N PRO A 10 -28.82 6.21 7.16
CA PRO A 10 -29.29 5.26 6.15
C PRO A 10 -28.21 4.52 5.34
N HIS A 11 -28.55 3.31 4.91
CA HIS A 11 -27.66 2.45 4.11
C HIS A 11 -28.00 2.78 2.65
N ILE A 12 -27.73 4.02 2.26
CA ILE A 12 -28.03 4.48 0.91
C ILE A 12 -26.87 4.21 -0.06
N SER A 13 -27.19 4.24 -1.34
CA SER A 13 -26.18 4.04 -2.37
C SER A 13 -25.08 5.08 -2.19
N ALA A 14 -23.82 4.66 -2.34
CA ALA A 14 -22.70 5.57 -2.21
C ALA A 14 -22.71 6.57 -3.37
N LEU A 15 -23.39 6.21 -4.45
CA LEU A 15 -23.47 7.09 -5.60
C LEU A 15 -24.38 8.29 -5.30
N ASN A 16 -25.12 8.23 -4.21
CA ASN A 16 -26.00 9.33 -3.81
C ASN A 16 -25.59 9.90 -2.47
N ALA A 17 -24.34 9.67 -2.10
CA ALA A 17 -23.86 10.15 -0.82
C ALA A 17 -22.89 11.30 -1.00
N PRO A 18 -22.74 12.13 0.05
CA PRO A 18 -21.81 13.26 -0.04
C PRO A 18 -20.43 12.71 -0.40
N GLN A 19 -19.72 13.43 -1.26
CA GLN A 19 -18.40 13.02 -1.72
C GLN A 19 -17.33 12.99 -0.63
N LEU A 20 -16.64 11.86 -0.52
CA LEU A 20 -15.62 11.69 0.50
C LEU A 20 -14.41 12.62 0.30
N ASP A 21 -13.90 12.67 -0.93
CA ASP A 21 -12.76 13.54 -1.18
C ASP A 21 -13.07 15.01 -0.89
N GLN A 22 -14.31 15.42 -1.17
CA GLN A 22 -14.74 16.79 -0.94
C GLN A 22 -14.73 17.14 0.56
N ARG A 23 -15.15 16.18 1.39
CA ARG A 23 -15.18 16.35 2.84
C ARG A 23 -13.76 16.61 3.39
N TYR A 24 -12.78 16.02 2.73
CA TYR A 24 -11.40 16.16 3.19
C TYR A 24 -10.48 16.98 2.28
N LYS A 25 -11.03 17.67 1.31
CA LYS A 25 -10.19 18.42 0.36
C LYS A 25 -9.13 19.39 0.88
N ASN A 26 -9.29 19.92 2.08
CA ASN A 26 -8.27 20.85 2.59
C ASN A 26 -7.30 20.16 3.54
N GLU A 27 -7.62 18.91 3.90
CA GLU A 27 -6.80 18.15 4.84
C GLU A 27 -5.82 17.22 4.13
N PHE A 28 -6.33 16.46 3.16
CA PHE A 28 -5.49 15.54 2.38
C PHE A 28 -6.33 14.95 1.26
N THR A 29 -5.68 14.41 0.24
CA THR A 29 -6.44 13.79 -0.83
C THR A 29 -6.95 12.46 -0.33
N ILE A 30 -7.93 11.91 -1.02
CA ILE A 30 -8.49 10.61 -0.65
C ILE A 30 -8.34 9.73 -1.88
N GLY A 31 -7.59 8.64 -1.73
CA GLY A 31 -7.35 7.75 -2.86
C GLY A 31 -7.83 6.31 -2.74
N ALA A 32 -7.75 5.60 -3.86
CA ALA A 32 -8.14 4.20 -3.91
C ALA A 32 -7.19 3.48 -4.83
N ALA A 33 -6.93 2.22 -4.49
CA ALA A 33 -6.09 1.34 -5.28
C ALA A 33 -7.05 0.69 -6.25
N VAL A 34 -6.63 0.56 -7.51
CA VAL A 34 -7.50 0.00 -8.53
C VAL A 34 -6.83 -1.01 -9.46
N GLU A 35 -7.67 -1.83 -10.10
CA GLU A 35 -7.22 -2.81 -11.09
C GLU A 35 -7.84 -2.30 -12.38
N PRO A 36 -7.17 -2.50 -13.51
CA PRO A 36 -7.75 -2.01 -14.76
C PRO A 36 -9.18 -2.48 -15.09
N TYR A 37 -9.53 -3.71 -14.74
CA TYR A 37 -10.88 -4.19 -15.08
C TYR A 37 -11.96 -3.37 -14.38
N GLN A 38 -11.61 -2.78 -13.24
CA GLN A 38 -12.57 -1.96 -12.53
C GLN A 38 -12.93 -0.73 -13.34
N LEU A 39 -12.05 -0.31 -14.26
CA LEU A 39 -12.34 0.85 -15.08
C LEU A 39 -13.38 0.52 -16.16
N GLN A 40 -13.76 -0.75 -16.23
CA GLN A 40 -14.77 -1.20 -17.17
C GLN A 40 -16.01 -1.64 -16.43
N ASN A 41 -16.02 -1.42 -15.11
CA ASN A 41 -17.17 -1.75 -14.25
C ASN A 41 -17.85 -0.41 -13.96
N GLU A 42 -19.07 -0.25 -14.43
CA GLU A 42 -19.80 1.00 -14.24
C GLU A 42 -19.82 1.52 -12.82
N LYS A 43 -20.10 0.64 -11.86
CA LYS A 43 -20.18 1.05 -10.47
C LYS A 43 -18.85 1.53 -9.92
N ASP A 44 -17.78 0.82 -10.24
CA ASP A 44 -16.45 1.21 -9.77
C ASP A 44 -16.05 2.54 -10.39
N VAL A 45 -16.35 2.71 -11.67
CA VAL A 45 -16.02 3.97 -12.34
C VAL A 45 -16.74 5.15 -11.65
N GLN A 46 -18.03 4.95 -11.38
N GLN A 46 -18.03 4.97 -11.38
CA GLN A 46 -18.84 5.98 -10.73
CA GLN A 46 -18.80 6.02 -10.74
C GLN A 46 -18.29 6.30 -9.34
C GLN A 46 -18.29 6.31 -9.33
N MET A 47 -17.77 5.28 -8.66
CA MET A 47 -17.23 5.47 -7.32
C MET A 47 -15.96 6.31 -7.37
N LEU A 48 -15.10 6.02 -8.32
CA LEU A 48 -13.84 6.75 -8.43
C LEU A 48 -14.06 8.21 -8.77
N LYS A 49 -15.00 8.48 -9.68
CA LYS A 49 -15.29 9.84 -10.09
C LYS A 49 -15.99 10.61 -8.98
N ARG A 50 -16.83 9.92 -8.22
CA ARG A 50 -17.57 10.59 -7.14
C ARG A 50 -16.81 10.87 -5.86
N HIS A 51 -16.15 9.84 -5.32
CA HIS A 51 -15.48 9.96 -4.03
C HIS A 51 -13.97 10.14 -3.93
N PHE A 52 -13.24 9.88 -5.00
CA PHE A 52 -11.79 9.95 -4.91
C PHE A 52 -11.11 10.95 -5.82
N ASN A 53 -9.97 11.47 -5.36
CA ASN A 53 -9.19 12.41 -6.14
C ASN A 53 -7.72 12.01 -6.22
N SER A 54 -7.43 10.75 -5.95
CA SER A 54 -6.08 10.21 -6.04
C SER A 54 -6.26 8.73 -6.36
N ILE A 55 -5.35 8.15 -7.14
CA ILE A 55 -5.48 6.75 -7.51
C ILE A 55 -4.10 6.08 -7.51
N VAL A 56 -4.09 4.76 -7.31
CA VAL A 56 -2.86 3.98 -7.33
C VAL A 56 -3.18 2.61 -7.92
N ALA A 57 -2.20 2.01 -8.60
CA ALA A 57 -2.39 0.69 -9.15
C ALA A 57 -2.17 -0.37 -8.08
N GLU A 58 -3.18 -1.21 -7.86
CA GLU A 58 -3.09 -2.25 -6.86
C GLU A 58 -2.01 -3.24 -7.22
N ASN A 59 -1.84 -3.48 -8.53
CA ASN A 59 -0.86 -4.46 -8.97
C ASN A 59 -0.12 -4.20 -10.26
N VAL A 60 -0.76 -3.54 -11.23
CA VAL A 60 -0.13 -3.40 -12.53
C VAL A 60 1.10 -2.51 -12.71
N MET A 61 1.55 -1.85 -11.64
CA MET A 61 2.76 -1.06 -11.76
C MET A 61 3.91 -1.66 -10.93
N LYS A 62 3.70 -2.87 -10.42
CA LYS A 62 4.74 -3.55 -9.64
C LYS A 62 5.78 -4.03 -10.64
N PRO A 63 7.01 -4.29 -10.16
CA PRO A 63 8.09 -4.74 -11.06
C PRO A 63 7.78 -5.86 -12.05
N ILE A 64 7.19 -6.95 -11.56
CA ILE A 64 6.92 -8.08 -12.43
C ILE A 64 5.87 -7.79 -13.49
N SER A 65 5.00 -6.82 -13.21
CA SER A 65 3.97 -6.43 -14.16
C SER A 65 4.54 -5.54 -15.25
N ILE A 66 5.48 -4.69 -14.88
CA ILE A 66 6.13 -3.74 -15.80
C ILE A 66 7.23 -4.36 -16.67
N GLN A 67 8.15 -5.08 -16.04
CA GLN A 67 9.24 -5.68 -16.81
C GLN A 67 9.41 -7.16 -16.46
N PRO A 68 8.46 -7.99 -16.91
CA PRO A 68 8.47 -9.45 -16.65
C PRO A 68 9.68 -10.21 -17.18
N GLU A 69 10.28 -9.67 -18.23
CA GLU A 69 11.48 -10.22 -18.85
C GLU A 69 12.33 -9.00 -19.16
N GLU A 70 13.64 -9.08 -18.94
CA GLU A 70 14.50 -7.95 -19.20
C GLU A 70 14.34 -7.47 -20.65
N GLY A 71 13.98 -6.21 -20.79
CA GLY A 71 13.78 -5.64 -22.12
C GLY A 71 12.33 -5.65 -22.58
N LYS A 72 11.47 -6.39 -21.89
CA LYS A 72 10.07 -6.46 -22.26
C LYS A 72 9.24 -5.62 -21.29
N PHE A 73 8.90 -4.41 -21.70
CA PHE A 73 8.12 -3.51 -20.86
C PHE A 73 6.66 -3.53 -21.25
N ASN A 74 5.80 -3.71 -20.26
N ASN A 74 5.79 -3.70 -20.25
CA ASN A 74 4.36 -3.72 -20.48
CA ASN A 74 4.36 -3.72 -20.48
C ASN A 74 3.72 -2.57 -19.71
C ASN A 74 3.72 -2.57 -19.71
N PHE A 75 3.53 -1.45 -20.41
CA PHE A 75 2.93 -0.26 -19.80
C PHE A 75 1.46 -0.17 -20.15
N GLU A 76 0.97 -1.12 -20.94
CA GLU A 76 -0.43 -1.11 -21.38
C GLU A 76 -1.44 -0.95 -20.24
N GLN A 77 -1.33 -1.80 -19.23
CA GLN A 77 -2.28 -1.76 -18.11
C GLN A 77 -2.07 -0.51 -17.27
N ALA A 78 -0.82 -0.21 -16.96
CA ALA A 78 -0.53 0.99 -16.17
C ALA A 78 -1.04 2.22 -16.90
N ASP A 79 -0.92 2.26 -18.22
CA ASP A 79 -1.39 3.40 -19.00
C ASP A 79 -2.90 3.67 -18.82
N ARG A 80 -3.67 2.59 -18.67
CA ARG A 80 -5.13 2.71 -18.50
C ARG A 80 -5.46 3.45 -17.21
N ILE A 81 -4.69 3.19 -16.15
N ILE A 81 -4.68 3.18 -16.17
CA ILE A 81 -4.93 3.87 -14.90
CA ILE A 81 -4.88 3.84 -14.88
C ILE A 81 -4.48 5.33 -14.98
C ILE A 81 -4.49 5.31 -15.00
N VAL A 82 -3.36 5.57 -15.65
CA VAL A 82 -2.87 6.93 -15.80
C VAL A 82 -3.84 7.76 -16.65
N LYS A 83 -4.34 7.16 -17.72
CA LYS A 83 -5.27 7.86 -18.61
C LYS A 83 -6.56 8.22 -17.88
N PHE A 84 -7.05 7.30 -17.05
CA PHE A 84 -8.27 7.51 -16.29
C PHE A 84 -8.07 8.64 -15.27
N ALA A 85 -6.93 8.61 -14.60
CA ALA A 85 -6.60 9.62 -13.60
C ALA A 85 -6.59 10.99 -14.26
N LYS A 86 -5.89 11.10 -15.39
CA LYS A 86 -5.81 12.38 -16.09
C LYS A 86 -7.16 12.90 -16.57
N ALA A 87 -8.02 12.00 -17.05
CA ALA A 87 -9.33 12.41 -17.53
C ALA A 87 -10.21 12.84 -16.37
N ASN A 88 -9.83 12.48 -15.15
CA ASN A 88 -10.65 12.82 -14.00
C ASN A 88 -9.97 13.67 -12.94
N GLY A 89 -8.91 14.35 -13.32
CA GLY A 89 -8.20 15.23 -12.39
C GLY A 89 -7.74 14.61 -11.09
N MET A 90 -7.34 13.34 -11.13
CA MET A 90 -6.88 12.64 -9.93
C MET A 90 -5.35 12.62 -9.86
N ASP A 91 -4.79 12.70 -8.64
CA ASP A 91 -3.35 12.61 -8.47
C ASP A 91 -3.07 11.12 -8.69
N ILE A 92 -1.82 10.78 -8.97
CA ILE A 92 -1.46 9.38 -9.17
C ILE A 92 -0.25 9.06 -8.28
N ARG A 93 -0.28 7.87 -7.68
CA ARG A 93 0.84 7.40 -6.89
C ARG A 93 1.37 6.20 -7.68
N PHE A 94 2.69 6.04 -7.76
CA PHE A 94 3.26 4.89 -8.46
C PHE A 94 3.69 3.82 -7.46
N HIS A 95 3.05 2.66 -7.54
CA HIS A 95 3.35 1.56 -6.63
C HIS A 95 3.76 0.35 -7.47
N THR A 96 5.02 -0.08 -7.45
CA THR A 96 6.14 0.50 -6.69
C THR A 96 7.40 0.15 -7.52
N LEU A 97 8.47 0.94 -7.42
CA LEU A 97 9.66 0.67 -8.23
C LEU A 97 10.50 -0.52 -7.78
N VAL A 98 10.57 -0.73 -6.48
CA VAL A 98 11.38 -1.82 -5.92
C VAL A 98 10.68 -2.52 -4.75
N TRP A 99 10.66 -3.85 -4.80
CA TRP A 99 10.03 -4.66 -3.75
C TRP A 99 10.58 -6.09 -3.87
N HIS A 100 10.53 -6.87 -2.79
CA HIS A 100 11.04 -8.24 -2.82
C HIS A 100 10.00 -9.26 -3.26
N SER A 101 8.77 -8.78 -3.49
CA SER A 101 7.69 -9.66 -3.93
C SER A 101 7.19 -9.10 -5.26
N GLN A 102 6.50 -9.93 -6.04
CA GLN A 102 6.01 -9.51 -7.35
C GLN A 102 7.13 -8.79 -8.12
N VAL A 103 8.29 -9.45 -8.11
CA VAL A 103 9.48 -8.95 -8.78
C VAL A 103 10.05 -10.12 -9.59
N PRO A 104 10.33 -9.90 -10.88
CA PRO A 104 10.86 -10.94 -11.76
C PRO A 104 12.22 -11.51 -11.33
N GLN A 105 12.33 -12.84 -11.38
CA GLN A 105 13.56 -13.54 -10.99
C GLN A 105 14.81 -13.17 -11.81
N TRP A 106 14.64 -12.84 -13.09
CA TRP A 106 15.78 -12.51 -13.95
C TRP A 106 16.68 -11.41 -13.39
N PHE A 107 16.13 -10.57 -12.53
CA PHE A 107 16.92 -9.50 -11.92
C PHE A 107 18.10 -10.05 -11.15
N PHE A 108 17.86 -11.14 -10.42
CA PHE A 108 18.86 -11.75 -9.55
C PHE A 108 19.67 -12.94 -10.07
N LEU A 109 19.74 -13.11 -11.38
CA LEU A 109 20.52 -14.21 -11.97
C LEU A 109 21.78 -13.63 -12.59
N ASP A 110 22.92 -14.32 -12.40
CA ASP A 110 24.19 -13.87 -12.95
C ASP A 110 24.32 -14.13 -14.46
N LYS A 111 25.45 -13.72 -15.02
CA LYS A 111 25.71 -13.87 -16.45
C LYS A 111 25.56 -15.30 -16.95
N GLU A 112 25.66 -16.28 -16.05
CA GLU A 112 25.51 -17.67 -16.45
C GLU A 112 24.13 -18.21 -16.09
N GLY A 113 23.26 -17.32 -15.62
CA GLY A 113 21.91 -17.71 -15.26
C GLY A 113 21.81 -18.38 -13.90
N LYS A 114 22.78 -18.15 -13.03
CA LYS A 114 22.77 -18.72 -11.71
C LYS A 114 22.43 -17.66 -10.67
N PRO A 115 21.71 -18.04 -9.60
CA PRO A 115 21.34 -17.08 -8.56
C PRO A 115 22.56 -16.35 -8.02
N MET A 116 22.53 -15.01 -8.08
CA MET A 116 23.64 -14.23 -7.58
C MET A 116 23.84 -14.50 -6.09
N VAL A 117 22.78 -14.87 -5.40
CA VAL A 117 22.88 -15.14 -3.96
C VAL A 117 23.82 -16.31 -3.68
N ASN A 118 23.92 -17.24 -4.63
CA ASN A 118 24.77 -18.42 -4.47
C ASN A 118 26.25 -18.21 -4.81
N GLU A 119 26.63 -16.99 -5.16
CA GLU A 119 28.02 -16.69 -5.51
C GLU A 119 28.89 -16.52 -4.27
N THR A 120 30.01 -17.26 -4.22
CA THR A 120 30.93 -17.18 -3.10
C THR A 120 32.16 -16.37 -3.42
N ASP A 121 32.56 -16.35 -4.69
CA ASP A 121 33.74 -15.60 -5.11
C ASP A 121 33.51 -14.11 -4.94
N PRO A 122 34.22 -13.50 -3.97
CA PRO A 122 34.12 -12.07 -3.68
C PRO A 122 34.12 -11.20 -4.93
N VAL A 123 35.08 -11.45 -5.82
CA VAL A 123 35.18 -10.69 -7.06
C VAL A 123 33.88 -10.82 -7.82
N LYS A 124 33.43 -12.06 -7.98
CA LYS A 124 32.18 -12.34 -8.68
C LYS A 124 30.99 -11.64 -8.01
N ARG A 125 31.01 -11.58 -6.69
CA ARG A 125 29.92 -10.95 -5.96
C ARG A 125 29.84 -9.44 -6.21
N GLU A 126 30.99 -8.77 -6.24
CA GLU A 126 31.02 -7.34 -6.48
C GLU A 126 30.54 -7.07 -7.91
N GLN A 127 30.82 -7.99 -8.81
CA GLN A 127 30.41 -7.85 -10.21
C GLN A 127 28.89 -7.96 -10.29
N ASN A 128 28.31 -8.90 -9.54
CA ASN A 128 26.86 -9.09 -9.53
C ASN A 128 26.16 -7.90 -8.91
N LYS A 129 26.78 -7.30 -7.90
CA LYS A 129 26.20 -6.15 -7.24
C LYS A 129 26.01 -5.03 -8.26
N GLN A 130 27.10 -4.69 -8.94
CA GLN A 130 27.07 -3.64 -9.94
C GLN A 130 26.14 -4.00 -11.10
N LEU A 131 26.02 -5.28 -11.40
CA LEU A 131 25.14 -5.69 -12.48
C LEU A 131 23.69 -5.44 -12.05
N LEU A 132 23.35 -5.90 -10.84
CA LEU A 132 22.01 -5.73 -10.30
C LEU A 132 21.64 -4.25 -10.20
N LEU A 133 22.60 -3.44 -9.77
CA LEU A 133 22.35 -2.00 -9.62
C LEU A 133 22.11 -1.36 -10.97
N LYS A 134 22.71 -1.92 -12.02
CA LYS A 134 22.53 -1.38 -13.35
C LYS A 134 21.12 -1.73 -13.83
N ARG A 135 20.71 -2.97 -13.61
CA ARG A 135 19.38 -3.39 -14.00
C ARG A 135 18.33 -2.56 -13.27
N LEU A 136 18.62 -2.25 -12.01
CA LEU A 136 17.73 -1.45 -11.19
C LEU A 136 17.58 -0.06 -11.78
N GLU A 137 18.71 0.53 -12.15
CA GLU A 137 18.69 1.87 -12.72
C GLU A 137 17.90 1.90 -14.02
N THR A 138 18.12 0.92 -14.89
CA THR A 138 17.41 0.87 -16.16
C THR A 138 15.90 0.68 -15.97
N HIS A 139 15.53 -0.20 -15.04
CA HIS A 139 14.12 -0.44 -14.74
C HIS A 139 13.51 0.90 -14.33
N ILE A 140 14.11 1.54 -13.34
CA ILE A 140 13.61 2.82 -12.84
C ILE A 140 13.62 3.91 -13.93
N LYS A 141 14.72 3.98 -14.66
CA LYS A 141 14.88 4.97 -15.71
C LYS A 141 13.75 4.92 -16.74
N THR A 142 13.46 3.72 -17.23
CA THR A 142 12.43 3.56 -18.28
C THR A 142 11.03 3.95 -17.81
N ILE A 143 10.73 3.59 -16.57
CA ILE A 143 9.42 3.89 -16.01
C ILE A 143 9.25 5.40 -15.73
N VAL A 144 10.24 5.99 -15.06
CA VAL A 144 10.19 7.41 -14.72
C VAL A 144 10.25 8.30 -15.96
N GLU A 145 11.05 7.93 -16.96
CA GLU A 145 11.10 8.73 -18.17
C GLU A 145 9.72 8.78 -18.86
N ARG A 146 8.93 7.72 -18.70
CA ARG A 146 7.59 7.69 -19.33
C ARG A 146 6.54 8.45 -18.55
N TYR A 147 6.56 8.30 -17.23
CA TYR A 147 5.56 8.89 -16.36
C TYR A 147 5.88 10.11 -15.49
N LYS A 148 7.11 10.62 -15.57
CA LYS A 148 7.51 11.77 -14.75
C LYS A 148 6.57 12.99 -14.79
N ASP A 149 5.92 13.24 -15.91
CA ASP A 149 5.03 14.39 -16.02
C ASP A 149 3.58 14.10 -15.61
N ASP A 150 3.25 12.84 -15.36
CA ASP A 150 1.89 12.49 -15.00
C ASP A 150 1.72 12.00 -13.58
N ILE A 151 2.76 11.38 -13.04
CA ILE A 151 2.71 10.82 -11.69
C ILE A 151 3.49 11.65 -10.67
N LYS A 152 2.81 12.19 -9.67
CA LYS A 152 3.51 13.02 -8.70
C LYS A 152 4.18 12.32 -7.51
N TYR A 153 3.56 11.23 -7.06
CA TYR A 153 4.02 10.48 -5.89
C TYR A 153 4.53 9.09 -6.26
N TRP A 154 5.70 8.74 -5.72
CA TRP A 154 6.33 7.46 -6.02
C TRP A 154 6.77 6.64 -4.81
N ASP A 155 6.33 5.39 -4.76
CA ASP A 155 6.79 4.46 -3.72
C ASP A 155 8.07 3.92 -4.37
N VAL A 156 9.19 4.58 -4.12
CA VAL A 156 10.46 4.15 -4.72
C VAL A 156 10.90 2.78 -4.22
N VAL A 157 10.76 2.54 -2.92
CA VAL A 157 11.11 1.24 -2.36
C VAL A 157 9.97 0.84 -1.45
N ASN A 158 9.68 -0.46 -1.38
CA ASN A 158 8.60 -0.96 -0.56
C ASN A 158 9.12 -2.07 0.35
N GLU A 159 8.79 -1.99 1.64
CA GLU A 159 9.15 -3.00 2.63
C GLU A 159 10.63 -3.38 2.72
N VAL A 160 11.53 -2.41 2.77
CA VAL A 160 12.95 -2.73 2.82
C VAL A 160 13.51 -2.91 4.23
N VAL A 161 12.67 -2.69 5.23
CA VAL A 161 13.07 -2.86 6.62
C VAL A 161 12.30 -4.04 7.18
N GLY A 162 13.01 -4.92 7.87
CA GLY A 162 12.37 -6.08 8.45
C GLY A 162 11.65 -5.77 9.75
N ASP A 163 10.80 -6.70 10.15
CA ASP A 163 10.05 -6.53 11.39
C ASP A 163 10.95 -6.73 12.61
N ASP A 164 12.16 -7.21 12.37
CA ASP A 164 13.12 -7.45 13.45
C ASP A 164 14.02 -6.24 13.64
N GLY A 165 13.68 -5.15 12.96
CA GLY A 165 14.43 -3.93 13.10
C GLY A 165 15.70 -3.93 12.28
N LYS A 166 15.93 -4.98 11.51
CA LYS A 166 17.11 -5.07 10.66
C LYS A 166 16.63 -4.78 9.23
N LEU A 167 17.56 -4.62 8.30
CA LEU A 167 17.17 -4.40 6.91
C LEU A 167 16.63 -5.75 6.44
N ARG A 168 15.61 -5.75 5.59
CA ARG A 168 15.08 -7.01 5.11
C ARG A 168 16.16 -7.69 4.28
N ASN A 169 16.50 -8.92 4.64
CA ASN A 169 17.54 -9.67 3.94
C ASN A 169 17.02 -10.36 2.69
N SER A 170 16.48 -9.55 1.79
CA SER A 170 15.94 -10.06 0.54
C SER A 170 17.09 -10.13 -0.46
N PRO A 171 16.86 -10.75 -1.64
CA PRO A 171 17.92 -10.84 -2.64
C PRO A 171 18.55 -9.47 -2.92
N TRP A 172 17.73 -8.42 -2.90
CA TRP A 172 18.24 -7.07 -3.15
C TRP A 172 19.35 -6.69 -2.18
N TYR A 173 19.14 -6.94 -0.89
CA TYR A 173 20.13 -6.63 0.14
C TYR A 173 21.31 -7.61 0.14
N GLN A 174 21.01 -8.89 -0.04
CA GLN A 174 22.05 -9.91 -0.05
C GLN A 174 23.06 -9.68 -1.17
N ILE A 175 22.54 -9.29 -2.32
CA ILE A 175 23.38 -9.06 -3.48
C ILE A 175 24.05 -7.68 -3.53
N ALA A 176 23.28 -6.64 -3.27
CA ALA A 176 23.82 -5.30 -3.38
C ALA A 176 24.00 -4.51 -2.09
N GLY A 177 23.46 -5.02 -0.99
CA GLY A 177 23.58 -4.30 0.27
C GLY A 177 22.70 -3.07 0.31
N ILE A 178 22.99 -2.15 1.23
CA ILE A 178 22.20 -0.94 1.40
C ILE A 178 22.16 -0.07 0.15
N ASP A 179 23.12 -0.27 -0.74
CA ASP A 179 23.18 0.53 -1.95
C ASP A 179 22.00 0.42 -2.88
N TYR A 180 21.24 -0.69 -2.83
CA TYR A 180 20.11 -0.79 -3.75
C TYR A 180 19.07 0.28 -3.42
N ILE A 181 18.99 0.64 -2.14
CA ILE A 181 18.03 1.66 -1.71
C ILE A 181 18.51 3.04 -2.17
N LYS A 182 19.80 3.33 -1.95
CA LYS A 182 20.36 4.60 -2.37
C LYS A 182 20.25 4.80 -3.87
N VAL A 183 20.60 3.76 -4.64
CA VAL A 183 20.53 3.85 -6.09
C VAL A 183 19.10 4.07 -6.56
N ALA A 184 18.15 3.36 -5.94
CA ALA A 184 16.75 3.49 -6.34
C ALA A 184 16.26 4.94 -6.24
N PHE A 185 16.50 5.59 -5.11
CA PHE A 185 16.07 6.97 -4.94
C PHE A 185 16.82 7.93 -5.86
N GLN A 186 18.13 7.74 -5.98
CA GLN A 186 18.94 8.60 -6.83
C GLN A 186 18.52 8.50 -8.31
N ALA A 187 18.26 7.28 -8.77
CA ALA A 187 17.84 7.09 -10.15
C ALA A 187 16.46 7.72 -10.38
N ALA A 188 15.58 7.58 -9.41
CA ALA A 188 14.25 8.17 -9.56
C ALA A 188 14.36 9.70 -9.67
N ARG A 189 15.19 10.30 -8.83
CA ARG A 189 15.37 11.74 -8.87
C ARG A 189 16.05 12.16 -10.17
N LYS A 190 17.10 11.44 -10.55
CA LYS A 190 17.85 11.74 -11.76
C LYS A 190 17.01 11.80 -13.04
N TYR A 191 16.12 10.82 -13.23
CA TYR A 191 15.27 10.78 -14.43
C TYR A 191 13.92 11.46 -14.30
N GLY A 192 13.43 11.61 -13.08
CA GLY A 192 12.13 12.25 -12.91
C GLY A 192 12.21 13.72 -12.60
N GLY A 193 13.36 14.17 -12.13
CA GLY A 193 13.49 15.58 -11.81
C GLY A 193 13.09 15.92 -10.38
N ASP A 194 13.19 17.20 -10.05
CA ASP A 194 12.89 17.71 -8.72
C ASP A 194 11.41 17.80 -8.35
N ASN A 195 10.52 17.65 -9.32
CA ASN A 195 9.10 17.79 -9.04
C ASN A 195 8.36 16.55 -8.56
N ILE A 196 8.88 15.36 -8.82
CA ILE A 196 8.19 14.18 -8.32
C ILE A 196 8.61 13.94 -6.87
N LYS A 197 7.69 13.41 -6.06
CA LYS A 197 7.95 13.16 -4.64
C LYS A 197 8.24 11.68 -4.41
N LEU A 198 9.37 11.40 -3.77
CA LEU A 198 9.84 10.04 -3.54
C LEU A 198 9.58 9.52 -2.13
N TYR A 199 8.98 8.34 -2.05
CA TYR A 199 8.65 7.75 -0.75
C TYR A 199 9.19 6.34 -0.48
N MET A 200 9.39 6.05 0.80
CA MET A 200 9.81 4.74 1.25
C MET A 200 8.51 4.24 1.88
N ASN A 201 7.97 3.16 1.34
CA ASN A 201 6.68 2.61 1.80
C ASN A 201 6.86 1.34 2.63
N ASP A 202 6.05 1.17 3.69
CA ASP A 202 6.17 -0.03 4.53
C ASP A 202 4.92 -0.25 5.40
N TYR A 203 4.82 -1.44 5.99
CA TYR A 203 3.71 -1.76 6.88
C TYR A 203 4.23 -1.84 8.31
N ASN A 204 3.33 -1.79 9.28
CA ASN A 204 3.70 -1.83 10.70
C ASN A 204 4.74 -0.76 11.02
N THR A 205 4.59 0.41 10.42
CA THR A 205 5.51 1.51 10.66
C THR A 205 5.34 2.09 12.06
N GLU A 206 4.30 1.63 12.76
CA GLU A 206 3.98 2.09 14.11
C GLU A 206 4.50 1.11 15.17
N VAL A 207 5.13 0.04 14.74
CA VAL A 207 5.61 -0.98 15.66
C VAL A 207 7.13 -1.02 15.84
N GLU A 208 7.59 -1.14 17.09
CA GLU A 208 9.03 -1.23 17.35
C GLU A 208 9.41 -2.71 17.30
N PRO A 209 10.66 -3.03 16.94
CA PRO A 209 11.79 -2.15 16.59
C PRO A 209 11.81 -1.62 15.15
N LYS A 210 10.82 -2.02 14.34
CA LYS A 210 10.76 -1.58 12.94
C LYS A 210 10.71 -0.06 12.80
N ARG A 211 9.81 0.57 13.55
CA ARG A 211 9.65 2.02 13.49
C ARG A 211 10.94 2.81 13.66
N THR A 212 11.69 2.51 14.70
CA THR A 212 12.92 3.24 14.93
C THR A 212 13.99 2.90 13.89
N ALA A 213 14.00 1.66 13.42
CA ALA A 213 14.98 1.25 12.41
C ALA A 213 14.68 2.01 11.11
N LEU A 214 13.40 2.11 10.77
CA LEU A 214 13.02 2.83 9.56
C LEU A 214 13.41 4.29 9.78
N TYR A 215 13.15 4.79 10.98
CA TYR A 215 13.48 6.15 11.33
C TYR A 215 14.98 6.42 11.19
N ASN A 216 15.81 5.51 11.70
CA ASN A 216 17.25 5.68 11.63
C ASN A 216 17.77 5.61 10.21
N LEU A 217 17.22 4.66 9.43
CA LEU A 217 17.62 4.49 8.04
C LEU A 217 17.39 5.76 7.20
N VAL A 218 16.17 6.26 7.20
CA VAL A 218 15.90 7.46 6.41
C VAL A 218 16.71 8.64 6.93
N LYS A 219 16.93 8.69 8.23
CA LYS A 219 17.72 9.79 8.81
C LYS A 219 19.10 9.73 8.18
N GLN A 220 19.67 8.54 8.14
CA GLN A 220 21.00 8.31 7.59
C GLN A 220 21.09 8.56 6.09
N LEU A 221 20.09 8.11 5.34
CA LEU A 221 20.08 8.30 3.91
C LEU A 221 19.99 9.78 3.58
N LYS A 222 19.10 10.48 4.25
CA LYS A 222 18.95 11.92 4.02
C LYS A 222 20.26 12.64 4.31
N GLU A 223 20.91 12.26 5.40
CA GLU A 223 22.17 12.87 5.77
C GLU A 223 23.22 12.62 4.70
N GLU A 224 23.07 11.52 3.97
CA GLU A 224 24.03 11.17 2.92
C GLU A 224 23.65 11.79 1.57
N GLY A 225 22.61 12.62 1.56
CA GLY A 225 22.18 13.26 0.34
C GLY A 225 21.23 12.45 -0.52
N VAL A 226 20.82 11.28 -0.03
CA VAL A 226 19.89 10.45 -0.79
C VAL A 226 18.54 11.19 -0.80
N PRO A 227 17.93 11.39 -1.97
CA PRO A 227 16.65 12.08 -2.06
C PRO A 227 15.42 11.26 -1.65
N ILE A 228 14.87 11.58 -0.47
CA ILE A 228 13.68 10.90 0.06
C ILE A 228 12.75 12.00 0.56
N ASP A 229 11.55 12.08 0.00
CA ASP A 229 10.61 13.13 0.37
C ASP A 229 9.60 12.78 1.45
N GLY A 230 9.28 11.50 1.58
CA GLY A 230 8.30 11.12 2.57
C GLY A 230 8.27 9.66 2.91
N ILE A 231 7.35 9.31 3.81
CA ILE A 231 7.18 7.94 4.25
C ILE A 231 5.76 7.49 3.92
N GLY A 232 5.65 6.28 3.37
CA GLY A 232 4.36 5.73 3.07
C GLY A 232 4.01 4.73 4.17
N HIS A 233 2.92 4.99 4.90
CA HIS A 233 2.47 4.09 5.96
C HIS A 233 1.33 3.27 5.37
N GLN A 234 1.62 2.01 5.04
CA GLN A 234 0.62 1.14 4.42
C GLN A 234 -0.68 1.10 5.20
N SER A 235 -0.56 1.09 6.52
CA SER A 235 -1.73 1.08 7.37
C SER A 235 -2.70 -0.09 7.18
N HIS A 236 -2.19 -1.31 7.09
CA HIS A 236 -3.10 -2.44 7.01
C HIS A 236 -3.32 -2.70 8.48
N ILE A 237 -4.35 -2.08 9.02
CA ILE A 237 -4.64 -2.15 10.44
C ILE A 237 -5.89 -2.95 10.84
N GLN A 238 -6.07 -3.06 12.15
CA GLN A 238 -7.20 -3.77 12.73
C GLN A 238 -8.09 -2.77 13.45
N ILE A 239 -9.16 -3.27 14.05
CA ILE A 239 -10.09 -2.39 14.76
C ILE A 239 -9.47 -1.85 16.03
N GLY A 240 -8.66 -2.67 16.69
CA GLY A 240 -8.06 -2.22 17.94
C GLY A 240 -6.57 -1.93 17.95
N ALA A 241 -5.86 -2.29 16.90
CA ALA A 241 -4.41 -2.05 16.84
C ALA A 241 -4.01 -1.69 15.43
N PRO A 242 -3.03 -0.78 15.27
CA PRO A 242 -2.35 -0.08 16.37
C PRO A 242 -3.22 0.98 17.02
N SER A 243 -2.86 1.35 18.25
CA SER A 243 -3.62 2.37 18.98
C SER A 243 -3.43 3.70 18.29
N GLU A 244 -4.41 4.59 18.43
CA GLU A 244 -4.30 5.91 17.83
C GLU A 244 -3.07 6.63 18.40
N ALA A 245 -2.74 6.39 19.66
CA ALA A 245 -1.58 7.03 20.28
C ALA A 245 -0.28 6.67 19.56
N GLU A 246 -0.15 5.42 19.15
CA GLU A 246 1.05 4.96 18.46
C GLU A 246 1.08 5.44 17.02
N ILE A 247 -0.09 5.56 16.42
CA ILE A 247 -0.20 6.06 15.05
C ILE A 247 0.28 7.51 15.09
N GLU A 248 -0.20 8.26 16.08
CA GLU A 248 0.19 9.66 16.21
C GLU A 248 1.69 9.81 16.44
N LYS A 249 2.24 9.02 17.36
CA LYS A 249 3.67 9.09 17.66
C LYS A 249 4.50 8.83 16.40
N THR A 250 4.04 7.86 15.61
CA THR A 250 4.70 7.49 14.36
C THR A 250 4.73 8.65 13.36
N ILE A 251 3.56 9.21 13.07
CA ILE A 251 3.46 10.30 12.12
C ILE A 251 4.31 11.48 12.57
N ASN A 252 4.29 11.77 13.87
CA ASN A 252 5.07 12.89 14.40
C ASN A 252 6.57 12.73 14.28
N MET A 253 7.09 11.56 14.59
CA MET A 253 8.52 11.39 14.51
C MET A 253 9.04 11.48 13.08
N PHE A 254 8.28 10.98 12.11
CA PHE A 254 8.74 11.08 10.73
C PHE A 254 8.58 12.50 10.23
N ALA A 255 7.56 13.19 10.73
CA ALA A 255 7.33 14.57 10.32
C ALA A 255 8.51 15.41 10.86
N ALA A 256 9.01 15.03 12.04
CA ALA A 256 10.13 15.77 12.66
C ALA A 256 11.37 15.74 11.79
N LEU A 257 11.47 14.74 10.92
CA LEU A 257 12.63 14.61 10.04
C LEU A 257 12.43 15.40 8.76
N GLY A 258 11.31 16.12 8.66
CA GLY A 258 11.04 16.91 7.46
C GLY A 258 10.45 16.06 6.35
N LEU A 259 9.85 14.95 6.74
CA LEU A 259 9.27 14.02 5.79
C LEU A 259 7.76 14.17 5.70
N ASP A 260 7.23 14.05 4.49
CA ASP A 260 5.79 14.10 4.29
C ASP A 260 5.34 12.70 4.69
N ASN A 261 4.06 12.55 5.02
CA ASN A 261 3.52 11.22 5.37
C ASN A 261 2.29 10.98 4.52
N GLN A 262 2.14 9.75 4.03
CA GLN A 262 0.95 9.39 3.26
C GLN A 262 0.49 8.07 3.82
N ILE A 263 -0.83 7.91 3.97
CA ILE A 263 -1.44 6.67 4.47
C ILE A 263 -1.69 6.05 3.11
N THR A 264 -0.92 5.02 2.78
CA THR A 264 -0.96 4.46 1.44
C THR A 264 -1.82 3.28 1.05
N GLU A 265 -2.12 2.41 1.99
CA GLU A 265 -2.90 1.21 1.66
C GLU A 265 -3.88 0.86 2.77
N LEU A 266 -4.57 1.88 3.23
CA LEU A 266 -5.51 1.70 4.33
C LEU A 266 -6.67 0.73 4.13
N ASP A 267 -6.81 -0.18 5.09
CA ASP A 267 -7.94 -1.08 5.21
C ASP A 267 -8.06 -1.42 6.69
N VAL A 268 -9.29 -1.50 7.20
CA VAL A 268 -9.49 -1.80 8.61
C VAL A 268 -10.15 -3.17 8.67
N SER A 269 -9.32 -4.19 8.85
CA SER A 269 -9.78 -5.57 8.91
C SER A 269 -10.74 -5.81 10.08
N MET A 270 -11.66 -6.75 9.89
CA MET A 270 -12.62 -7.10 10.94
C MET A 270 -11.95 -8.09 11.87
N TYR A 271 -10.77 -8.56 11.48
CA TYR A 271 -10.10 -9.59 12.26
C TYR A 271 -8.77 -9.24 12.91
N GLY A 272 -8.21 -10.23 13.61
CA GLY A 272 -6.93 -10.06 14.27
C GLY A 272 -5.85 -10.70 13.41
N TRP A 273 -4.81 -11.23 14.03
CA TRP A 273 -3.73 -11.86 13.29
C TRP A 273 -3.11 -13.03 14.04
N PRO A 274 -3.05 -14.21 13.39
CA PRO A 274 -3.58 -14.46 12.04
C PRO A 274 -5.10 -14.39 12.09
N PRO A 275 -5.74 -13.97 10.99
CA PRO A 275 -7.19 -13.86 10.95
C PRO A 275 -8.00 -15.15 11.03
N ARG A 276 -9.11 -15.10 11.77
CA ARG A 276 -10.05 -16.21 11.86
C ARG A 276 -11.31 -15.54 11.31
N ALA A 277 -11.48 -15.63 10.00
CA ALA A 277 -12.59 -14.96 9.33
C ALA A 277 -13.90 -15.71 9.22
N TYR A 278 -14.95 -14.95 8.97
CA TYR A 278 -16.28 -15.51 8.75
C TYR A 278 -16.21 -15.96 7.28
N PRO A 279 -17.00 -16.99 6.91
CA PRO A 279 -16.98 -17.50 5.53
C PRO A 279 -17.62 -16.62 4.46
N THR A 280 -18.56 -15.79 4.85
CA THR A 280 -19.23 -14.91 3.90
C THR A 280 -19.42 -13.54 4.51
N TYR A 281 -19.63 -12.54 3.67
CA TYR A 281 -19.84 -11.18 4.12
C TYR A 281 -21.08 -11.11 5.03
N ASP A 282 -22.14 -11.79 4.62
CA ASP A 282 -23.39 -11.75 5.37
C ASP A 282 -23.33 -12.38 6.76
N ALA A 283 -22.34 -13.22 7.00
CA ALA A 283 -22.18 -13.87 8.29
C ALA A 283 -21.52 -12.96 9.32
N ILE A 284 -20.94 -11.85 8.88
CA ILE A 284 -20.29 -10.92 9.80
C ILE A 284 -21.34 -10.19 10.63
N PRO A 285 -21.31 -10.33 11.96
CA PRO A 285 -22.29 -9.67 12.83
C PRO A 285 -22.30 -8.16 12.70
N LYS A 286 -23.50 -7.59 12.75
CA LYS A 286 -23.65 -6.15 12.62
C LYS A 286 -22.81 -5.40 13.66
N GLN A 287 -22.57 -6.00 14.83
CA GLN A 287 -21.79 -5.32 15.86
C GLN A 287 -20.37 -5.01 15.39
N LYS A 288 -19.81 -5.89 14.56
CA LYS A 288 -18.44 -5.69 14.03
C LYS A 288 -18.39 -4.41 13.19
N PHE A 289 -19.48 -4.11 12.49
CA PHE A 289 -19.52 -2.91 11.66
C PHE A 289 -19.63 -1.65 12.49
N LEU A 290 -20.15 -1.77 13.71
CA LEU A 290 -20.27 -0.63 14.60
C LEU A 290 -18.94 -0.38 15.27
N ASP A 291 -18.24 -1.46 15.60
CA ASP A 291 -16.93 -1.37 16.23
C ASP A 291 -15.99 -0.77 15.19
N GLN A 292 -16.09 -1.28 13.97
CA GLN A 292 -15.25 -0.78 12.88
C GLN A 292 -15.49 0.71 12.67
N ALA A 293 -16.76 1.14 12.74
CA ALA A 293 -17.08 2.55 12.55
C ALA A 293 -16.51 3.44 13.64
N ALA A 294 -16.50 2.97 14.88
CA ALA A 294 -15.96 3.78 15.97
C ALA A 294 -14.44 3.94 15.73
N ARG A 295 -13.82 2.89 15.21
CA ARG A 295 -12.38 2.93 14.92
C ARG A 295 -12.11 3.95 13.82
N TYR A 296 -12.92 3.91 12.76
CA TYR A 296 -12.74 4.85 11.66
C TYR A 296 -12.95 6.28 12.14
N ASP A 297 -13.91 6.46 13.05
CA ASP A 297 -14.19 7.79 13.61
C ASP A 297 -12.95 8.35 14.32
N ARG A 298 -12.32 7.52 15.16
CA ARG A 298 -11.13 7.94 15.91
C ARG A 298 -9.95 8.13 14.97
N LEU A 299 -9.85 7.21 14.01
CA LEU A 299 -8.77 7.25 13.06
C LEU A 299 -8.77 8.52 12.22
N PHE A 300 -9.90 8.85 11.59
CA PHE A 300 -9.91 10.04 10.79
C PHE A 300 -9.84 11.35 11.59
N LYS A 301 -10.31 11.33 12.83
N LYS A 301 -10.31 11.33 12.83
CA LYS A 301 -10.24 12.53 13.67
CA LYS A 301 -10.23 12.53 13.66
C LYS A 301 -8.76 12.81 13.87
C LYS A 301 -8.76 12.81 13.87
N LEU A 302 -7.99 11.75 14.09
CA LEU A 302 -6.56 11.88 14.28
C LEU A 302 -5.90 12.34 12.97
N TYR A 303 -6.28 11.74 11.85
CA TYR A 303 -5.68 12.16 10.57
C TYR A 303 -5.85 13.66 10.37
N GLU A 304 -7.03 14.16 10.70
CA GLU A 304 -7.29 15.60 10.55
C GLU A 304 -6.44 16.42 11.51
N LYS A 305 -6.35 15.98 12.76
CA LYS A 305 -5.54 16.70 13.74
C LYS A 305 -4.11 16.81 13.21
N LEU A 306 -3.71 15.81 12.43
CA LEU A 306 -2.36 15.79 11.87
C LEU A 306 -2.30 16.15 10.40
N SER A 307 -3.33 16.83 9.89
CA SER A 307 -3.39 17.17 8.48
C SER A 307 -2.21 17.97 7.92
N ASP A 308 -1.52 18.73 8.74
CA ASP A 308 -0.38 19.49 8.22
C ASP A 308 0.82 18.58 7.98
N LYS A 309 0.68 17.31 8.32
CA LYS A 309 1.76 16.34 8.16
C LYS A 309 1.41 15.16 7.27
N ILE A 310 0.16 15.13 6.79
CA ILE A 310 -0.33 14.06 5.91
C ILE A 310 -0.91 14.68 4.64
N SER A 311 -0.38 14.28 3.49
CA SER A 311 -0.85 14.84 2.23
C SER A 311 -1.87 13.96 1.51
N ASN A 312 -1.95 12.71 1.92
CA ASN A 312 -2.84 11.77 1.26
C ASN A 312 -3.22 10.58 2.10
N VAL A 313 -4.47 10.14 1.96
CA VAL A 313 -4.92 8.94 2.65
C VAL A 313 -5.56 8.10 1.54
N THR A 314 -4.94 6.97 1.22
CA THR A 314 -5.44 6.10 0.17
C THR A 314 -5.90 4.78 0.75
N PHE A 315 -7.08 4.32 0.32
CA PHE A 315 -7.65 3.04 0.74
C PHE A 315 -7.18 1.99 -0.26
N TRP A 316 -6.85 0.80 0.23
CA TRP A 316 -6.36 -0.25 -0.66
C TRP A 316 -7.55 -0.96 -1.29
N GLY A 317 -8.37 -0.20 -1.98
CA GLY A 317 -9.55 -0.76 -2.63
C GLY A 317 -10.65 0.28 -2.70
N ILE A 318 -11.74 -0.04 -3.39
CA ILE A 318 -12.85 0.88 -3.57
C ILE A 318 -14.00 0.52 -2.64
N ALA A 319 -14.49 -0.71 -2.76
CA ALA A 319 -15.59 -1.17 -1.92
C ALA A 319 -15.38 -2.62 -1.49
N ASP A 320 -16.12 -3.04 -0.47
CA ASP A 320 -15.98 -4.37 0.14
C ASP A 320 -16.09 -5.58 -0.76
N ASN A 321 -16.65 -5.41 -1.95
CA ASN A 321 -16.77 -6.55 -2.86
C ASN A 321 -15.41 -6.94 -3.43
N HIS A 322 -14.39 -6.12 -3.19
CA HIS A 322 -13.05 -6.45 -3.68
C HIS A 322 -11.97 -5.92 -2.74
N THR A 323 -11.28 -6.85 -2.06
CA THR A 323 -10.18 -6.50 -1.17
C THR A 323 -9.21 -7.69 -1.05
N TRP A 324 -7.92 -7.37 -1.10
CA TRP A 324 -6.89 -8.39 -0.98
C TRP A 324 -6.93 -9.06 0.39
N LEU A 325 -7.61 -8.43 1.34
CA LEU A 325 -7.70 -9.03 2.66
C LEU A 325 -8.41 -10.38 2.62
N ASP A 326 -9.21 -10.61 1.58
CA ASP A 326 -9.90 -11.88 1.45
C ASP A 326 -8.89 -13.03 1.26
N SER A 327 -7.72 -12.71 0.69
CA SER A 327 -6.71 -13.74 0.49
C SER A 327 -6.12 -14.18 1.84
N ARG A 328 -6.29 -13.35 2.86
CA ARG A 328 -5.80 -13.62 4.21
C ARG A 328 -6.93 -14.08 5.15
N ALA A 329 -8.17 -14.06 4.66
CA ALA A 329 -9.33 -14.43 5.47
C ALA A 329 -9.50 -15.94 5.61
N ASP A 330 -8.64 -16.56 6.41
CA ASP A 330 -8.70 -18.00 6.63
C ASP A 330 -9.92 -18.37 7.49
N VAL A 331 -10.63 -19.43 7.11
CA VAL A 331 -11.80 -19.84 7.87
C VAL A 331 -11.49 -21.12 8.62
N TYR A 332 -11.63 -21.06 9.94
CA TYR A 332 -11.34 -22.19 10.81
C TYR A 332 -12.62 -22.95 11.10
N TYR A 333 -12.53 -24.27 11.05
CA TYR A 333 -13.70 -25.12 11.31
C TYR A 333 -13.43 -26.12 12.45
N ASP A 334 -14.40 -26.28 13.34
CA ASP A 334 -14.23 -27.24 14.43
C ASP A 334 -14.60 -28.63 13.93
N ALA A 335 -14.54 -29.63 14.80
CA ALA A 335 -14.86 -31.00 14.42
C ALA A 335 -16.30 -31.18 13.93
N ASN A 336 -17.20 -30.34 14.42
CA ASN A 336 -18.60 -30.42 14.03
C ASN A 336 -18.87 -29.70 12.71
N GLY A 337 -17.84 -29.10 12.13
CA GLY A 337 -18.02 -28.39 10.88
C GLY A 337 -18.54 -26.98 11.08
N ASN A 338 -18.46 -26.48 12.30
CA ASN A 338 -18.92 -25.12 12.59
C ASN A 338 -17.76 -24.14 12.50
N VAL A 339 -18.06 -22.91 12.09
CA VAL A 339 -17.04 -21.88 11.96
C VAL A 339 -16.51 -21.43 13.32
N VAL A 340 -15.21 -21.20 13.39
CA VAL A 340 -14.56 -20.77 14.63
C VAL A 340 -13.86 -19.45 14.39
N VAL A 341 -14.29 -18.41 15.11
CA VAL A 341 -13.67 -17.10 14.96
C VAL A 341 -12.92 -16.67 16.23
N ASP A 342 -13.20 -17.35 17.34
CA ASP A 342 -12.53 -17.07 18.60
C ASP A 342 -11.04 -17.42 18.42
N PRO A 343 -10.14 -16.43 18.60
CA PRO A 343 -8.69 -16.60 18.47
C PRO A 343 -8.07 -17.71 19.31
N ASN A 344 -8.63 -17.95 20.49
CA ASN A 344 -8.13 -18.98 21.37
C ASN A 344 -9.18 -20.06 21.57
N ALA A 345 -9.59 -20.69 20.47
CA ALA A 345 -10.59 -21.74 20.54
C ALA A 345 -10.16 -22.93 19.71
N PRO A 346 -10.67 -24.12 20.06
CA PRO A 346 -10.33 -25.34 19.33
C PRO A 346 -10.87 -25.32 17.90
N TYR A 347 -10.17 -26.03 17.02
CA TYR A 347 -10.60 -26.14 15.64
C TYR A 347 -9.89 -27.34 15.05
N ALA A 348 -10.46 -27.89 13.98
CA ALA A 348 -9.89 -29.07 13.35
C ALA A 348 -9.19 -28.81 12.04
N LYS A 349 -9.76 -27.92 11.23
CA LYS A 349 -9.22 -27.60 9.93
C LYS A 349 -9.33 -26.10 9.61
N VAL A 350 -8.57 -25.67 8.62
CA VAL A 350 -8.61 -24.28 8.18
C VAL A 350 -8.67 -24.25 6.65
N GLU A 351 -9.51 -23.37 6.11
CA GLU A 351 -9.59 -23.21 4.67
C GLU A 351 -8.96 -21.84 4.47
N LYS A 352 -7.70 -21.84 4.07
CA LYS A 352 -6.97 -20.60 3.88
C LYS A 352 -7.48 -19.69 2.78
N GLY A 353 -7.67 -18.41 3.12
CA GLY A 353 -8.13 -17.42 2.17
C GLY A 353 -9.47 -17.70 1.50
N LYS A 354 -10.37 -18.35 2.21
CA LYS A 354 -11.68 -18.66 1.63
C LYS A 354 -12.81 -17.84 2.25
N GLY A 355 -12.48 -17.02 3.23
CA GLY A 355 -13.49 -16.21 3.89
C GLY A 355 -13.71 -14.82 3.32
N LYS A 356 -14.26 -13.94 4.14
CA LYS A 356 -14.53 -12.60 3.68
C LYS A 356 -14.28 -11.52 4.72
N ASP A 357 -13.50 -10.52 4.33
CA ASP A 357 -13.24 -9.38 5.21
C ASP A 357 -14.13 -8.24 4.71
N ALA A 358 -14.25 -7.16 5.48
CA ALA A 358 -15.11 -6.02 5.11
C ALA A 358 -14.39 -4.79 5.66
N PRO A 359 -13.30 -4.37 4.99
CA PRO A 359 -12.46 -3.24 5.41
C PRO A 359 -12.76 -1.79 5.09
N PHE A 360 -13.64 -1.52 4.15
CA PHE A 360 -13.86 -0.15 3.73
C PHE A 360 -15.05 0.59 4.34
N VAL A 361 -15.37 1.78 3.81
CA VAL A 361 -16.53 2.50 4.34
C VAL A 361 -17.70 2.31 3.40
N PHE A 362 -17.44 1.59 2.30
CA PHE A 362 -18.44 1.31 1.28
C PHE A 362 -18.69 -0.21 1.18
N GLY A 363 -19.95 -0.61 1.33
CA GLY A 363 -20.30 -2.03 1.28
C GLY A 363 -20.18 -2.70 -0.09
N PRO A 364 -20.26 -4.04 -0.13
CA PRO A 364 -20.15 -4.82 -1.37
C PRO A 364 -21.25 -4.53 -2.40
N ASP A 365 -22.35 -3.93 -1.94
CA ASP A 365 -23.46 -3.57 -2.82
C ASP A 365 -23.41 -2.07 -3.12
N TYR A 366 -22.24 -1.49 -2.90
CA TYR A 366 -22.01 -0.07 -3.14
C TYR A 366 -22.89 0.90 -2.36
N LYS A 367 -23.24 0.49 -1.15
N LYS A 367 -23.24 0.49 -1.15
CA LYS A 367 -24.04 1.33 -0.26
CA LYS A 367 -24.05 1.32 -0.26
C LYS A 367 -23.17 1.65 0.95
C LYS A 367 -23.18 1.64 0.95
N VAL A 368 -23.36 2.84 1.51
CA VAL A 368 -22.56 3.26 2.65
C VAL A 368 -22.72 2.46 3.93
N LYS A 369 -21.60 2.24 4.60
CA LYS A 369 -21.57 1.48 5.84
C LYS A 369 -21.58 2.42 7.02
N PRO A 370 -21.72 1.87 8.23
CA PRO A 370 -21.72 2.73 9.42
C PRO A 370 -20.43 3.56 9.42
N ALA A 371 -19.34 2.95 8.96
CA ALA A 371 -18.03 3.62 8.91
C ALA A 371 -18.00 4.87 8.01
N TYR A 372 -18.78 4.86 6.92
CA TYR A 372 -18.85 6.04 6.06
C TYR A 372 -19.40 7.22 6.87
N TRP A 373 -20.55 7.01 7.50
CA TRP A 373 -21.18 8.06 8.30
C TRP A 373 -20.26 8.61 9.40
N ALA A 374 -19.44 7.74 9.97
CA ALA A 374 -18.50 8.09 11.02
C ALA A 374 -17.39 9.03 10.53
N ILE A 375 -17.00 8.93 9.26
CA ILE A 375 -15.94 9.82 8.80
C ILE A 375 -16.43 10.93 7.89
N ILE A 376 -17.67 10.85 7.41
CA ILE A 376 -18.18 11.92 6.55
C ILE A 376 -18.69 13.10 7.37
N ASP A 377 -19.08 12.85 8.62
CA ASP A 377 -19.61 13.91 9.48
C ASP A 377 -18.54 14.83 10.07
N HIS A 378 -18.99 15.75 10.92
CA HIS A 378 -18.06 16.69 11.52
C HIS A 378 -18.09 16.59 13.04
N LYS A 379 -18.06 15.35 13.53
CA LYS A 379 -18.08 15.09 14.96
C LYS A 379 -17.16 13.92 15.29
#